data_5NDI
#
_entry.id   5NDI
#
_cell.length_a   47.476
_cell.length_b   48.185
_cell.length_c   153.066
_cell.angle_alpha   90.00
_cell.angle_beta   90.00
_cell.angle_gamma   90.00
#
_symmetry.space_group_name_H-M   'P 21 21 21'
#
loop_
_entity.id
_entity.type
_entity.pdbx_description
1 polymer "RNA (5'-R(*UP*UP*UP*GP*CP*AP*GP*GP*AP*CP*GP*AP*CP*CP*UP*GP*(CBV)P*AP*AP*A)-3')"
2 non-polymer GUANIDINE
3 non-polymer 'SODIUM ION'
4 water water
#
_entity_poly.entity_id   1
_entity_poly.type   'polyribonucleotide'
_entity_poly.pdbx_seq_one_letter_code
;UUUGCAGGACGACCUG(CBV)AAA
;
_entity_poly.pdbx_strand_id   A,B,C,D
#